data_7L4N
#
_entry.id   7L4N
#
_cell.length_a   118.292
_cell.length_b   231.692
_cell.length_c   54.347
_cell.angle_alpha   90.000
_cell.angle_beta   90.000
_cell.angle_gamma   90.000
#
_symmetry.space_group_name_H-M   'C 2 2 21'
#
loop_
_entity.id
_entity.type
_entity.pdbx_description
1 polymer 'DNA (cytosine-5)-methyltransferase DRM2'
2 polymer "DNA (5'-D(*TP*AP*AP*AP*TP*TP*CP*GP*GP*AP*TP*TP*AP*GP*GP*AP*AP*T)-3')"
3 polymer "DNA (5'-D(*AP*TP*TP*CP*CP*TP*AP*AP*TP*(C49)P*CP*GP*AP*AP*TP*TP*TP*A)-3')"
4 non-polymer S-ADENOSYL-L-HOMOCYSTEINE
5 non-polymer GLYCEROL
6 water water
#
loop_
_entity_poly.entity_id
_entity_poly.type
_entity_poly.pdbx_seq_one_letter_code
_entity_poly.pdbx_strand_id
1 'polypeptide(L)'
;SVDDEPIRLPNPMIGFGVPNEPGLITHRSLPELARGPPFFYYENVALTPKGVWETISRHLFEIPPEFVDSKYFCVAARKR
GYIHNLPINNRFQIQPPPKYTIHDAFPLSKRWWPEWDKRTKLNCILTRTGSAQLTNRIRVALEPYNEEPEPPKHVQRYVI
DQCKKWNLVWVGKNKAAPLEPDEMESILGFPKNHTRGGGMSRTERFKSLGNSFQVDTVAYHLSVLKPIFPHGINVLSLFT
GIGGGEVALHRLQIKMKLVVSVEISKVNRNILKDFWEQTNQTGELIEFSDIQHLTNDTIEGLMEKYGGFDLVIGGSPCNN
LAGGNRVSRVGLEGDQSSLFFEYCRILEVVRARMRGS
;
A
2 'polydeoxyribonucleotide' (DT)(DA)(DA)(DA)(DT)(DT)(DC)(DG)(DG)(DA)(DT)(DT)(DA)(DG)(DG)(DA)(DA)(DT) B
3 'polydeoxyribonucleotide' (DA)(DT)(DT)(DC)(DC)(DT)(DA)(DA)(DT)(C49)(DC)(DG)(DA)(DA)(DT)(DT)(DT)(DA) C
#
# COMPACT_ATOMS: atom_id res chain seq x y z
N PRO A 6 -18.34 15.05 9.38
CA PRO A 6 -17.92 14.08 8.37
C PRO A 6 -16.51 14.36 7.85
N ILE A 7 -15.64 13.35 7.95
CA ILE A 7 -14.27 13.50 7.47
C ILE A 7 -14.27 13.91 6.02
N ARG A 8 -13.54 14.97 5.71
CA ARG A 8 -13.41 15.45 4.34
C ARG A 8 -11.97 15.24 3.89
N LEU A 9 -11.81 14.69 2.69
CA LEU A 9 -10.49 14.38 2.19
C LEU A 9 -9.73 15.66 1.83
N PRO A 10 -8.47 15.78 2.20
CA PRO A 10 -7.69 16.97 1.82
C PRO A 10 -7.44 17.03 0.32
N ASN A 11 -7.44 18.24 -0.22
CA ASN A 11 -7.09 18.48 -1.61
C ASN A 11 -6.12 19.64 -1.65
N PRO A 12 -4.84 19.42 -2.02
CA PRO A 12 -4.31 18.13 -2.48
C PRO A 12 -4.13 17.10 -1.37
N MET A 13 -4.14 15.81 -1.72
CA MET A 13 -4.07 14.73 -0.73
C MET A 13 -2.60 14.45 -0.40
N ILE A 14 -2.03 15.37 0.38
CA ILE A 14 -0.60 15.37 0.71
C ILE A 14 -0.34 14.99 2.16
N GLY A 15 -1.38 14.62 2.92
CA GLY A 15 -1.19 14.35 4.32
C GLY A 15 -0.59 15.55 5.03
N PHE A 16 0.35 15.29 5.93
CA PHE A 16 1.09 16.36 6.58
C PHE A 16 2.21 16.90 5.73
N GLY A 17 2.25 16.54 4.45
CA GLY A 17 3.30 17.01 3.56
C GLY A 17 3.92 15.85 2.82
N VAL A 18 4.31 16.10 1.56
CA VAL A 18 4.99 15.10 0.74
C VAL A 18 6.21 15.77 0.14
N PRO A 19 7.15 14.98 -0.38
CA PRO A 19 8.34 15.58 -1.00
C PRO A 19 8.00 16.44 -2.21
N ASN A 20 8.80 17.49 -2.41
CA ASN A 20 8.76 18.37 -3.58
C ASN A 20 7.45 19.17 -3.69
N GLU A 21 6.69 19.31 -2.60
CA GLU A 21 5.42 20.01 -2.64
C GLU A 21 5.30 20.94 -1.45
N PRO A 22 4.51 22.02 -1.57
CA PRO A 22 4.25 22.89 -0.41
C PRO A 22 3.32 22.22 0.59
N GLY A 23 3.23 22.83 1.77
CA GLY A 23 2.29 22.39 2.77
C GLY A 23 2.83 21.47 3.84
N LEU A 24 4.16 21.32 3.93
CA LEU A 24 4.74 20.48 4.98
C LEU A 24 4.35 21.01 6.35
N ILE A 25 3.85 20.10 7.19
CA ILE A 25 3.48 20.41 8.58
C ILE A 25 4.38 19.57 9.48
N THR A 26 5.10 20.24 10.37
CA THR A 26 6.12 19.58 11.17
C THR A 26 5.62 19.15 12.55
N HIS A 27 4.44 19.60 12.98
CA HIS A 27 3.95 19.30 14.31
C HIS A 27 2.44 19.10 14.30
N ARG A 28 1.99 18.11 15.06
CA ARG A 28 0.59 17.90 15.34
C ARG A 28 0.45 17.59 16.81
N SER A 29 -0.76 17.73 17.35
CA SER A 29 -1.03 17.34 18.72
C SER A 29 -2.01 16.19 18.72
N LEU A 30 -1.57 15.04 19.21
CA LEU A 30 -2.21 13.76 19.39
C LEU A 30 -2.92 13.72 20.74
N PRO A 31 -4.12 13.14 20.80
CA PRO A 31 -4.72 12.87 22.11
C PRO A 31 -3.78 12.03 22.96
N GLU A 32 -3.78 12.31 24.26
CA GLU A 32 -2.84 11.63 25.16
C GLU A 32 -3.06 10.13 25.14
N LEU A 33 -4.28 9.68 24.84
CA LEU A 33 -4.54 8.25 24.74
C LEU A 33 -3.78 7.63 23.58
N ALA A 34 -3.47 8.41 22.54
CA ALA A 34 -2.75 7.93 21.37
C ALA A 34 -1.25 7.78 21.60
N ARG A 35 -0.72 8.36 22.68
CA ARG A 35 0.71 8.34 22.92
C ARG A 35 1.22 6.91 23.07
N GLY A 36 2.32 6.61 22.36
CA GLY A 36 2.98 5.34 22.53
C GLY A 36 3.67 5.26 23.88
N PRO A 37 4.35 4.13 24.12
CA PRO A 37 4.48 2.99 23.21
C PRO A 37 3.28 2.04 23.30
N PRO A 38 3.06 1.20 22.28
CA PRO A 38 3.90 1.11 21.08
C PRO A 38 3.54 2.19 20.06
N PHE A 39 4.44 2.43 19.11
CA PHE A 39 4.04 3.09 17.89
C PHE A 39 3.17 2.14 17.07
N PHE A 40 2.12 2.66 16.45
CA PHE A 40 1.33 1.86 15.54
C PHE A 40 1.09 2.63 14.25
N TYR A 41 0.71 1.87 13.23
CA TYR A 41 0.59 2.40 11.87
C TYR A 41 -0.52 1.58 11.22
N TYR A 42 -1.62 2.24 10.90
CA TYR A 42 -2.76 1.56 10.29
C TYR A 42 -3.05 2.15 8.93
N GLU A 43 -3.38 1.29 7.97
CA GLU A 43 -3.59 1.69 6.59
C GLU A 43 -4.88 1.10 6.04
N ASN A 44 -5.58 1.88 5.22
CA ASN A 44 -6.70 1.38 4.44
C ASN A 44 -6.98 2.36 3.31
N VAL A 45 -7.86 1.96 2.39
CA VAL A 45 -8.18 2.83 1.26
C VAL A 45 -8.87 4.09 1.76
N ALA A 46 -8.64 5.20 1.06
CA ALA A 46 -9.22 6.47 1.48
C ALA A 46 -10.67 6.60 1.03
N LEU A 47 -11.05 5.95 -0.07
CA LEU A 47 -12.36 6.14 -0.68
C LEU A 47 -13.29 5.02 -0.22
N THR A 48 -13.79 5.18 0.99
CA THR A 48 -14.65 4.21 1.65
C THR A 48 -16.10 4.66 1.61
N PRO A 49 -17.04 3.77 1.92
CA PRO A 49 -18.41 4.21 2.21
C PRO A 49 -18.41 5.25 3.33
N LYS A 50 -19.45 6.08 3.35
CA LYS A 50 -19.57 7.12 4.38
C LYS A 50 -19.49 6.50 5.77
N GLY A 51 -18.88 7.24 6.71
CA GLY A 51 -18.82 6.84 8.09
C GLY A 51 -17.70 5.89 8.45
N VAL A 52 -17.00 5.32 7.47
CA VAL A 52 -16.02 4.27 7.76
C VAL A 52 -14.81 4.85 8.50
N TRP A 53 -14.21 5.91 7.96
CA TRP A 53 -13.02 6.45 8.60
C TRP A 53 -13.33 7.10 9.94
N GLU A 54 -14.51 7.71 10.08
CA GLU A 54 -14.95 8.22 11.37
C GLU A 54 -14.97 7.10 12.41
N THR A 55 -15.48 5.93 12.03
CA THR A 55 -15.49 4.78 12.94
C THR A 55 -14.08 4.27 13.21
N ILE A 56 -13.26 4.15 12.16
CA ILE A 56 -11.89 3.69 12.35
C ILE A 56 -11.15 4.64 13.28
N SER A 57 -11.31 5.95 13.09
CA SER A 57 -10.66 6.90 13.99
C SER A 57 -11.21 6.77 15.40
N ARG A 58 -12.51 6.49 15.54
CA ARG A 58 -13.11 6.35 16.87
C ARG A 58 -12.48 5.19 17.64
N HIS A 59 -12.11 4.11 16.96
CA HIS A 59 -11.51 2.97 17.61
C HIS A 59 -9.99 3.05 17.66
N LEU A 60 -9.39 4.08 17.05
CA LEU A 60 -7.95 4.28 17.19
C LEU A 60 -7.71 5.63 17.86
N PHE A 61 -8.40 5.85 18.99
CA PHE A 61 -8.11 6.92 19.93
C PHE A 61 -8.35 8.30 19.34
N GLU A 62 -9.25 8.38 18.36
CA GLU A 62 -9.67 9.62 17.73
C GLU A 62 -8.52 10.32 17.02
N ILE A 63 -7.52 9.56 16.57
CA ILE A 63 -6.46 10.12 15.73
C ILE A 63 -7.04 10.46 14.36
N PRO A 64 -6.94 11.70 13.90
CA PRO A 64 -7.32 11.99 12.51
C PRO A 64 -6.45 11.22 11.55
N PRO A 65 -7.04 10.64 10.50
CA PRO A 65 -6.23 9.98 9.48
C PRO A 65 -5.37 10.98 8.73
N GLU A 66 -4.22 10.49 8.26
CA GLU A 66 -3.38 11.23 7.32
C GLU A 66 -3.65 10.63 5.95
N PHE A 67 -4.38 11.36 5.12
CA PHE A 67 -4.74 10.91 3.77
C PHE A 67 -3.65 11.35 2.79
N VAL A 68 -3.00 10.40 2.14
CA VAL A 68 -1.91 10.68 1.22
C VAL A 68 -2.14 9.91 -0.07
N ASP A 69 -2.02 10.60 -1.21
CA ASP A 69 -2.06 9.96 -2.52
C ASP A 69 -0.64 9.67 -2.97
N SER A 70 -0.38 8.39 -3.27
CA SER A 70 0.98 7.98 -3.61
C SER A 70 1.46 8.47 -4.97
N LYS A 71 0.63 9.21 -5.72
CA LYS A 71 1.15 9.83 -6.94
C LYS A 71 2.25 10.82 -6.64
N TYR A 72 2.37 11.29 -5.40
CA TYR A 72 3.50 12.14 -5.05
C TYR A 72 4.76 11.36 -4.79
N PHE A 73 4.67 10.02 -4.76
CA PHE A 73 5.81 9.17 -4.51
C PHE A 73 6.17 8.24 -5.66
N CYS A 74 5.30 8.06 -6.66
CA CYS A 74 5.60 7.20 -7.79
C CYS A 74 4.66 7.60 -8.92
N VAL A 75 4.62 6.78 -9.98
CA VAL A 75 3.85 7.13 -11.17
C VAL A 75 2.38 6.77 -11.05
N ALA A 76 2.00 5.95 -10.07
CA ALA A 76 0.64 5.47 -9.92
C ALA A 76 -0.03 6.11 -8.72
N ALA A 77 -1.25 6.61 -8.90
CA ALA A 77 -2.04 7.10 -7.79
C ALA A 77 -2.30 5.98 -6.78
N ARG A 78 -2.45 6.36 -5.51
CA ARG A 78 -2.86 5.40 -4.48
C ARG A 78 -3.34 6.23 -3.29
N LYS A 79 -4.65 6.45 -3.22
CA LYS A 79 -5.27 7.30 -2.21
C LYS A 79 -5.55 6.45 -0.97
N ARG A 80 -4.75 6.65 0.07
CA ARG A 80 -4.87 5.85 1.29
C ARG A 80 -4.96 6.74 2.51
N GLY A 81 -5.53 6.19 3.57
CA GLY A 81 -5.57 6.82 4.87
C GLY A 81 -4.65 6.07 5.81
N TYR A 82 -3.86 6.82 6.58
CA TYR A 82 -2.92 6.25 7.55
C TYR A 82 -3.22 6.87 8.92
N ILE A 83 -3.71 6.06 9.84
CA ILE A 83 -3.80 6.44 11.25
C ILE A 83 -2.58 5.91 11.97
N HIS A 84 -1.82 6.80 12.61
CA HIS A 84 -0.59 6.43 13.29
C HIS A 84 -0.34 7.44 14.40
N ASN A 85 0.55 7.06 15.33
CA ASN A 85 0.96 7.91 16.43
C ASN A 85 2.44 8.25 16.35
N LEU A 86 3.00 8.30 15.13
CA LEU A 86 4.40 8.60 14.92
C LEU A 86 4.66 10.11 14.95
N PRO A 87 5.86 10.53 15.35
CA PRO A 87 6.25 11.92 15.10
C PRO A 87 6.28 12.19 13.61
N ILE A 88 5.94 13.42 13.23
CA ILE A 88 5.84 13.77 11.81
C ILE A 88 6.87 14.79 11.39
N ASN A 89 7.83 15.12 12.25
CA ASN A 89 8.90 16.03 11.90
C ASN A 89 10.10 15.25 11.37
N ASN A 90 10.81 15.87 10.43
CA ASN A 90 12.08 15.33 9.92
C ASN A 90 11.91 13.94 9.31
N ARG A 91 10.83 13.74 8.56
CA ARG A 91 10.74 12.58 7.68
C ARG A 91 11.73 12.74 6.53
N PHE A 92 12.18 11.61 5.99
CA PHE A 92 12.96 11.60 4.77
C PHE A 92 12.51 10.45 3.88
N GLN A 93 12.77 10.59 2.58
CA GLN A 93 12.39 9.60 1.59
C GLN A 93 13.55 8.63 1.35
N ILE A 94 13.21 7.40 0.98
CA ILE A 94 14.24 6.44 0.61
C ILE A 94 14.72 6.75 -0.80
N GLN A 95 15.96 6.38 -1.10
CA GLN A 95 16.61 6.83 -2.31
C GLN A 95 17.14 5.65 -3.13
N PRO A 96 17.08 5.75 -4.46
CA PRO A 96 16.46 6.87 -5.16
C PRO A 96 14.96 6.66 -5.29
N PRO A 97 14.17 7.73 -5.32
CA PRO A 97 12.72 7.55 -5.45
C PRO A 97 12.38 6.98 -6.81
N PRO A 98 11.27 6.24 -6.91
CA PRO A 98 10.89 5.68 -8.22
C PRO A 98 10.59 6.76 -9.23
N LYS A 99 10.52 6.35 -10.49
CA LYS A 99 10.25 7.31 -11.56
C LYS A 99 8.87 7.92 -11.38
N TYR A 100 8.77 9.23 -11.62
CA TYR A 100 7.61 10.02 -11.26
C TYR A 100 6.57 10.08 -12.37
N THR A 101 6.99 10.17 -13.63
CA THR A 101 6.09 10.34 -14.75
C THR A 101 6.04 9.09 -15.62
N ILE A 102 4.98 9.00 -16.41
CA ILE A 102 4.83 7.89 -17.35
C ILE A 102 6.01 7.85 -18.32
N HIS A 103 6.43 9.03 -18.80
CA HIS A 103 7.55 9.11 -19.73
C HIS A 103 8.79 8.42 -19.17
N ASP A 104 9.11 8.68 -17.90
CA ASP A 104 10.32 8.12 -17.31
C ASP A 104 10.12 6.71 -16.78
N ALA A 105 8.92 6.40 -16.29
CA ALA A 105 8.66 5.06 -15.76
C ALA A 105 8.52 4.04 -16.87
N PHE A 106 8.09 4.46 -18.06
CA PHE A 106 7.91 3.57 -19.21
C PHE A 106 8.69 4.15 -20.38
N PRO A 107 10.01 3.94 -20.39
CA PRO A 107 10.85 4.59 -21.42
C PRO A 107 10.48 4.21 -22.84
N LEU A 108 10.08 2.96 -23.07
CA LEU A 108 9.74 2.50 -24.42
C LEU A 108 8.38 3.02 -24.89
N SER A 109 7.55 3.56 -24.00
CA SER A 109 6.17 3.85 -24.37
C SER A 109 6.01 5.05 -25.28
N LYS A 110 7.01 5.94 -25.35
CA LYS A 110 6.89 7.07 -26.26
C LYS A 110 6.82 6.63 -27.71
N ARG A 111 7.25 5.40 -28.02
CA ARG A 111 7.13 4.87 -29.36
C ARG A 111 5.68 4.70 -29.78
N TRP A 112 4.79 4.37 -28.83
CA TRP A 112 3.41 4.03 -29.14
C TRP A 112 2.39 5.00 -28.57
N TRP A 113 2.80 6.04 -27.84
CA TRP A 113 1.88 6.83 -27.05
C TRP A 113 1.28 7.95 -27.88
N PRO A 114 -0.05 7.99 -28.04
CA PRO A 114 -0.67 9.04 -28.88
C PRO A 114 -0.49 10.42 -28.29
N GLU A 115 -0.44 11.41 -29.18
CA GLU A 115 -0.50 12.82 -28.80
C GLU A 115 -1.72 13.12 -27.94
N TRP A 116 -2.87 12.49 -28.23
CA TRP A 116 -4.12 12.85 -27.59
C TRP A 116 -4.39 12.09 -26.29
N ASP A 117 -3.46 11.24 -25.83
CA ASP A 117 -3.49 10.63 -24.50
C ASP A 117 -2.57 11.49 -23.63
N LYS A 118 -3.15 12.41 -22.87
CA LYS A 118 -2.41 13.44 -22.15
C LYS A 118 -1.95 13.01 -20.77
N ARG A 119 -2.18 11.75 -20.38
CA ARG A 119 -1.81 11.30 -19.05
C ARG A 119 -0.31 11.42 -18.80
N THR A 120 0.05 11.82 -17.59
CA THR A 120 1.42 11.74 -17.11
C THR A 120 1.55 10.89 -15.85
N LYS A 121 0.44 10.57 -15.20
CA LYS A 121 0.42 9.65 -14.07
C LYS A 121 -0.57 8.53 -14.36
N LEU A 122 -0.31 7.37 -13.78
CA LEU A 122 -1.26 6.27 -13.83
C LEU A 122 -2.22 6.38 -12.65
N ASN A 123 -3.27 5.58 -12.71
CA ASN A 123 -4.22 5.51 -11.63
C ASN A 123 -3.86 4.33 -10.73
N CYS A 124 -4.75 3.96 -9.83
CA CYS A 124 -4.37 3.09 -8.73
C CYS A 124 -4.15 1.68 -9.25
N ILE A 125 -3.11 1.01 -8.74
CA ILE A 125 -2.85 -0.38 -9.08
C ILE A 125 -3.79 -1.25 -8.24
N LEU A 126 -4.59 -2.08 -8.90
CA LEU A 126 -5.66 -2.85 -8.25
C LEU A 126 -5.41 -4.35 -8.43
N THR A 127 -6.33 -5.17 -7.92
CA THR A 127 -6.21 -6.61 -8.03
C THR A 127 -6.79 -7.17 -9.31
N ARG A 128 -7.55 -6.37 -10.06
CA ARG A 128 -8.12 -6.77 -11.34
C ARG A 128 -7.58 -5.85 -12.42
N THR A 129 -7.13 -6.44 -13.53
CA THR A 129 -6.54 -5.68 -14.63
C THR A 129 -7.36 -5.88 -15.90
N GLY A 130 -7.05 -5.05 -16.90
CA GLY A 130 -7.80 -5.11 -18.15
C GLY A 130 -7.64 -6.45 -18.85
N SER A 131 -8.69 -6.83 -19.57
CA SER A 131 -8.72 -8.09 -20.30
C SER A 131 -8.01 -7.96 -21.65
N ALA A 132 -7.68 -9.11 -22.23
CA ALA A 132 -7.18 -9.13 -23.60
C ALA A 132 -8.26 -8.69 -24.58
N GLN A 133 -9.53 -8.89 -24.22
CA GLN A 133 -10.61 -8.48 -25.10
C GLN A 133 -10.76 -6.97 -25.13
N LEU A 134 -10.49 -6.29 -24.01
CA LEU A 134 -10.52 -4.84 -24.01
C LEU A 134 -9.40 -4.27 -24.89
N THR A 135 -8.19 -4.83 -24.78
CA THR A 135 -7.12 -4.44 -25.68
C THR A 135 -7.53 -4.61 -27.14
N ASN A 136 -8.24 -5.69 -27.45
CA ASN A 136 -8.69 -5.91 -28.82
C ASN A 136 -9.72 -4.85 -29.24
N ARG A 137 -10.72 -4.61 -28.39
CA ARG A 137 -11.73 -3.61 -28.69
C ARG A 137 -11.11 -2.25 -28.96
N ILE A 138 -10.07 -1.90 -28.21
CA ILE A 138 -9.39 -0.63 -28.43
C ILE A 138 -8.60 -0.66 -29.73
N ARG A 139 -7.94 -1.78 -30.02
CA ARG A 139 -7.20 -1.89 -31.28
C ARG A 139 -8.13 -1.77 -32.47
N VAL A 140 -9.23 -2.52 -32.45
CA VAL A 140 -10.18 -2.54 -33.57
C VAL A 140 -10.77 -1.16 -33.80
N ALA A 141 -11.12 -0.47 -32.72
CA ALA A 141 -11.69 0.87 -32.81
C ALA A 141 -10.72 1.87 -33.45
N LEU A 142 -9.42 1.59 -33.45
CA LEU A 142 -8.43 2.57 -33.87
C LEU A 142 -7.92 2.38 -35.29
N GLU A 143 -7.86 1.13 -35.78
CA GLU A 143 -7.28 0.81 -37.09
C GLU A 143 -7.93 1.50 -38.28
N PRO A 144 -9.26 1.69 -38.31
CA PRO A 144 -9.85 2.40 -39.46
C PRO A 144 -9.32 3.81 -39.67
N TYR A 145 -8.49 4.31 -38.75
CA TYR A 145 -7.95 5.67 -38.83
C TYR A 145 -6.42 5.69 -38.84
N ASN A 146 -5.78 4.57 -39.17
CA ASN A 146 -4.32 4.50 -39.13
C ASN A 146 -3.68 5.43 -40.16
N GLU A 147 -4.26 5.50 -41.36
CA GLU A 147 -3.70 6.36 -42.40
C GLU A 147 -4.06 7.82 -42.22
N GLU A 148 -5.03 8.13 -41.34
CA GLU A 148 -5.34 9.51 -40.96
C GLU A 148 -4.50 9.90 -39.76
N PRO A 149 -4.11 11.18 -39.63
CA PRO A 149 -3.14 11.56 -38.59
C PRO A 149 -3.69 11.44 -37.18
N GLU A 150 -4.99 11.28 -37.02
CA GLU A 150 -5.62 11.33 -35.71
C GLU A 150 -7.06 10.85 -35.83
N PRO A 151 -7.51 9.91 -34.99
CA PRO A 151 -8.88 9.42 -35.08
C PRO A 151 -9.85 10.49 -34.64
N PRO A 152 -11.14 10.36 -34.97
CA PRO A 152 -12.11 11.39 -34.58
C PRO A 152 -12.18 11.54 -33.06
N LYS A 153 -12.84 12.63 -32.64
CA LYS A 153 -12.86 12.97 -31.23
C LYS A 153 -13.62 11.93 -30.40
N HIS A 154 -14.66 11.32 -30.99
CA HIS A 154 -15.50 10.42 -30.21
C HIS A 154 -14.85 9.04 -30.01
N VAL A 155 -14.10 8.54 -30.99
CA VAL A 155 -13.35 7.31 -30.75
C VAL A 155 -12.18 7.60 -29.81
N GLN A 156 -11.60 8.80 -29.91
CA GLN A 156 -10.56 9.20 -28.97
C GLN A 156 -11.04 9.08 -27.54
N ARG A 157 -12.20 9.68 -27.24
CA ARG A 157 -12.70 9.74 -25.87
C ARG A 157 -13.03 8.36 -25.32
N TYR A 158 -13.52 7.47 -26.18
CA TYR A 158 -13.72 6.09 -25.76
C TYR A 158 -12.41 5.45 -25.30
N VAL A 159 -11.36 5.57 -26.12
CA VAL A 159 -10.08 4.95 -25.78
C VAL A 159 -9.51 5.56 -24.51
N ILE A 160 -9.54 6.90 -24.42
CA ILE A 160 -9.07 7.57 -23.21
C ILE A 160 -9.85 7.09 -21.99
N ASP A 161 -11.18 7.08 -22.11
CA ASP A 161 -12.03 6.66 -20.99
C ASP A 161 -11.71 5.22 -20.58
N GLN A 162 -11.33 4.37 -21.52
CA GLN A 162 -11.05 2.98 -21.19
C GLN A 162 -9.64 2.78 -20.66
N CYS A 163 -8.66 3.53 -21.19
CA CYS A 163 -7.30 3.47 -20.68
C CYS A 163 -7.24 3.93 -19.23
N LYS A 164 -8.00 4.97 -18.88
CA LYS A 164 -8.04 5.42 -17.50
C LYS A 164 -8.78 4.42 -16.61
N LYS A 165 -9.95 3.96 -17.08
CA LYS A 165 -10.75 3.02 -16.30
C LYS A 165 -9.94 1.77 -15.94
N TRP A 166 -9.10 1.30 -16.86
CA TRP A 166 -8.39 0.04 -16.68
C TRP A 166 -6.88 0.20 -16.60
N ASN A 167 -6.39 1.42 -16.40
CA ASN A 167 -4.98 1.70 -16.12
C ASN A 167 -4.07 1.01 -17.15
N LEU A 168 -4.32 1.32 -18.42
CA LEU A 168 -3.61 0.73 -19.54
C LEU A 168 -2.46 1.63 -19.98
N VAL A 169 -1.41 1.00 -20.52
CA VAL A 169 -0.28 1.71 -21.12
C VAL A 169 -0.12 1.23 -22.55
N TRP A 170 0.45 2.10 -23.39
CA TRP A 170 0.60 1.80 -24.81
C TRP A 170 1.86 0.97 -25.02
N VAL A 171 1.68 -0.21 -25.60
CA VAL A 171 2.75 -1.19 -25.72
C VAL A 171 3.05 -1.57 -27.16
N GLY A 172 2.13 -1.36 -28.09
CA GLY A 172 2.33 -1.69 -29.50
C GLY A 172 1.45 -0.82 -30.36
N LYS A 173 1.41 -1.09 -31.66
CA LYS A 173 0.54 -0.31 -32.55
C LYS A 173 -0.91 -0.48 -32.14
N ASN A 174 -1.54 0.64 -31.74
CA ASN A 174 -2.93 0.63 -31.29
C ASN A 174 -3.16 -0.40 -30.19
N LYS A 175 -2.12 -0.70 -29.42
CA LYS A 175 -2.17 -1.73 -28.39
C LYS A 175 -2.03 -1.06 -27.03
N ALA A 176 -3.11 -1.07 -26.26
CA ALA A 176 -3.11 -0.58 -24.88
C ALA A 176 -3.35 -1.78 -23.98
N ALA A 177 -2.38 -2.07 -23.11
CA ALA A 177 -2.38 -3.26 -22.27
C ALA A 177 -2.17 -2.86 -20.83
N PRO A 178 -2.56 -3.71 -19.88
CA PRO A 178 -2.35 -3.40 -18.47
C PRO A 178 -0.90 -3.63 -18.05
N LEU A 179 -0.61 -3.20 -16.82
CA LEU A 179 0.72 -3.37 -16.26
C LEU A 179 1.02 -4.86 -16.04
N GLU A 180 2.29 -5.20 -16.14
CA GLU A 180 2.82 -6.51 -15.81
C GLU A 180 3.19 -6.58 -14.34
N PRO A 181 3.24 -7.78 -13.77
CA PRO A 181 3.59 -7.89 -12.34
C PRO A 181 4.88 -7.18 -11.95
N ASP A 182 5.93 -7.27 -12.78
CA ASP A 182 7.19 -6.65 -12.39
C ASP A 182 7.13 -5.14 -12.50
N GLU A 183 6.22 -4.62 -13.31
CA GLU A 183 6.00 -3.18 -13.37
C GLU A 183 5.23 -2.70 -12.15
N MET A 184 4.25 -3.48 -11.69
CA MET A 184 3.54 -3.16 -10.46
C MET A 184 4.50 -3.21 -9.27
N GLU A 185 5.28 -4.28 -9.17
CA GLU A 185 6.31 -4.39 -8.14
C GLU A 185 7.17 -3.13 -8.08
N SER A 186 7.67 -2.70 -9.24
CA SER A 186 8.59 -1.57 -9.27
C SER A 186 7.88 -0.27 -8.89
N ILE A 187 6.67 -0.05 -9.40
CA ILE A 187 5.93 1.16 -9.07
C ILE A 187 5.53 1.19 -7.59
N LEU A 188 5.26 0.02 -7.01
CA LEU A 188 4.96 -0.07 -5.59
C LEU A 188 6.22 -0.09 -4.72
N GLY A 189 7.40 0.10 -5.31
CA GLY A 189 8.60 0.21 -4.53
C GLY A 189 9.16 -1.08 -3.99
N PHE A 190 8.74 -2.23 -4.54
CA PHE A 190 9.40 -3.48 -4.16
C PHE A 190 10.53 -3.80 -5.12
N PRO A 191 11.56 -4.51 -4.68
CA PRO A 191 12.61 -4.94 -5.61
C PRO A 191 12.05 -5.92 -6.65
N LYS A 192 12.72 -5.94 -7.80
CA LYS A 192 12.30 -6.81 -8.89
C LYS A 192 12.25 -8.26 -8.42
N ASN A 193 11.22 -8.98 -8.86
CA ASN A 193 11.00 -10.39 -8.59
C ASN A 193 10.67 -10.67 -7.13
N HIS A 194 10.33 -9.64 -6.35
CA HIS A 194 9.97 -9.83 -4.95
C HIS A 194 8.85 -10.86 -4.79
N THR A 195 7.85 -10.83 -5.69
CA THR A 195 6.70 -11.71 -5.59
C THR A 195 6.74 -12.88 -6.59
N ARG A 196 7.87 -13.15 -7.21
N ARG A 196 7.91 -13.15 -7.17
CA ARG A 196 7.94 -14.35 -8.05
CA ARG A 196 8.13 -14.31 -8.03
C ARG A 196 8.72 -15.42 -7.29
C ARG A 196 8.74 -15.42 -7.19
N GLY A 197 8.19 -16.62 -7.30
CA GLY A 197 8.63 -17.69 -6.44
C GLY A 197 7.68 -17.87 -5.29
N GLY A 198 8.12 -18.68 -4.32
CA GLY A 198 7.28 -19.06 -3.20
C GLY A 198 6.01 -19.79 -3.56
N GLY A 199 5.93 -20.38 -4.75
CA GLY A 199 4.72 -21.06 -5.17
C GLY A 199 3.63 -20.14 -5.67
N MET A 200 3.95 -18.88 -5.96
CA MET A 200 2.94 -17.87 -6.24
C MET A 200 2.71 -17.75 -7.74
N SER A 201 1.47 -17.95 -8.15
CA SER A 201 1.07 -17.88 -9.54
C SER A 201 1.10 -16.44 -10.03
N ARG A 202 1.19 -16.27 -11.34
CA ARG A 202 1.04 -14.94 -11.94
C ARG A 202 -0.26 -14.31 -11.47
N THR A 203 -1.35 -15.09 -11.46
CA THR A 203 -2.63 -14.59 -10.98
C THR A 203 -2.54 -14.12 -9.52
N GLU A 204 -1.87 -14.90 -8.68
CA GLU A 204 -1.74 -14.51 -7.28
C GLU A 204 -0.81 -13.32 -7.09
N ARG A 205 0.20 -13.18 -7.96
CA ARG A 205 1.05 -11.99 -7.92
C ARG A 205 0.23 -10.73 -8.16
N PHE A 206 -0.63 -10.75 -9.18
CA PHE A 206 -1.50 -9.62 -9.44
C PHE A 206 -2.32 -9.25 -8.22
N LYS A 207 -2.89 -10.24 -7.54
CA LYS A 207 -3.77 -9.96 -6.42
C LYS A 207 -3.01 -9.41 -5.22
N SER A 208 -1.88 -10.04 -4.88
CA SER A 208 -1.11 -9.59 -3.71
C SER A 208 -0.49 -8.22 -3.94
N LEU A 209 0.00 -7.95 -5.16
CA LEU A 209 0.49 -6.62 -5.48
C LEU A 209 -0.63 -5.58 -5.38
N GLY A 210 -1.80 -5.90 -5.92
CA GLY A 210 -2.92 -4.96 -5.83
C GLY A 210 -3.29 -4.59 -4.41
N ASN A 211 -3.09 -5.52 -3.47
CA ASN A 211 -3.48 -5.29 -2.07
C ASN A 211 -2.41 -4.59 -1.25
N SER A 212 -1.24 -4.34 -1.82
CA SER A 212 -0.05 -4.07 -1.02
C SER A 212 0.11 -2.58 -0.72
N PHE A 213 1.13 -2.27 0.09
CA PHE A 213 1.60 -0.92 0.34
C PHE A 213 2.34 -0.36 -0.87
N GLN A 214 2.34 0.96 -0.99
CA GLN A 214 3.33 1.66 -1.80
C GLN A 214 4.52 1.93 -0.87
N VAL A 215 5.62 1.20 -1.09
CA VAL A 215 6.69 1.12 -0.10
C VAL A 215 7.29 2.50 0.18
N ASP A 216 7.42 3.34 -0.85
CA ASP A 216 8.04 4.65 -0.64
C ASP A 216 7.16 5.54 0.23
N THR A 217 5.84 5.45 0.08
CA THR A 217 4.94 6.23 0.93
C THR A 217 5.05 5.79 2.38
N VAL A 218 4.96 4.47 2.61
CA VAL A 218 5.05 3.96 3.98
C VAL A 218 6.44 4.23 4.56
N ALA A 219 7.49 4.05 3.75
CA ALA A 219 8.85 4.27 4.25
C ALA A 219 9.04 5.73 4.68
N TYR A 220 8.52 6.67 3.89
CA TYR A 220 8.63 8.08 4.23
C TYR A 220 7.99 8.35 5.59
N HIS A 221 6.84 7.71 5.86
CA HIS A 221 6.20 7.85 7.16
C HIS A 221 7.05 7.22 8.27
N LEU A 222 7.58 6.02 8.03
CA LEU A 222 8.30 5.30 9.06
C LEU A 222 9.72 5.81 9.29
N SER A 223 10.20 6.73 8.44
CA SER A 223 11.61 7.14 8.50
C SER A 223 11.95 7.81 9.82
N VAL A 224 10.97 8.43 10.48
CA VAL A 224 11.19 9.10 11.75
C VAL A 224 11.61 8.13 12.85
N LEU A 225 11.38 6.84 12.65
CA LEU A 225 11.77 5.85 13.64
C LEU A 225 13.29 5.65 13.69
N LYS A 226 14.00 5.99 12.61
CA LYS A 226 15.42 5.66 12.54
C LYS A 226 16.26 6.28 13.66
N PRO A 227 16.14 7.58 13.98
CA PRO A 227 16.91 8.10 15.12
C PRO A 227 16.40 7.60 16.47
N ILE A 228 15.14 7.18 16.55
CA ILE A 228 14.57 6.76 17.82
C ILE A 228 15.14 5.43 18.28
N PHE A 229 15.38 4.50 17.35
CA PHE A 229 15.78 3.13 17.69
C PHE A 229 17.10 2.77 17.00
N PRO A 230 18.23 3.25 17.53
CA PRO A 230 19.52 2.98 16.88
C PRO A 230 19.88 1.51 16.85
N HIS A 231 19.26 0.69 17.69
CA HIS A 231 19.58 -0.73 17.79
C HIS A 231 18.51 -1.61 17.17
N GLY A 232 17.60 -1.04 16.40
CA GLY A 232 16.55 -1.81 15.77
C GLY A 232 15.30 -1.93 16.62
N ILE A 233 14.29 -2.59 16.07
CA ILE A 233 12.96 -2.65 16.68
C ILE A 233 12.41 -4.07 16.64
N ASN A 234 11.53 -4.36 17.60
CA ASN A 234 10.63 -5.50 17.53
C ASN A 234 9.35 -5.07 16.86
N VAL A 235 8.89 -5.85 15.87
CA VAL A 235 7.77 -5.46 15.02
C VAL A 235 6.66 -6.49 15.15
N LEU A 236 5.43 -6.02 15.36
CA LEU A 236 4.23 -6.84 15.22
C LEU A 236 3.56 -6.43 13.92
N SER A 237 3.61 -7.31 12.92
CA SER A 237 3.12 -7.03 11.58
C SER A 237 1.81 -7.78 11.38
N LEU A 238 0.72 -7.03 11.31
CA LEU A 238 -0.61 -7.61 11.15
C LEU A 238 -1.05 -7.46 9.70
N PHE A 239 -1.64 -8.51 9.14
CA PHE A 239 -2.01 -8.55 7.74
C PHE A 239 -0.81 -8.23 6.85
N THR A 240 0.26 -8.99 7.06
CA THR A 240 1.59 -8.62 6.55
C THR A 240 1.60 -8.55 5.02
N GLY A 241 0.84 -9.42 4.36
CA GLY A 241 0.83 -9.40 2.91
C GLY A 241 2.15 -9.88 2.34
N ILE A 242 2.67 -9.16 1.34
CA ILE A 242 3.96 -9.49 0.74
C ILE A 242 5.07 -8.73 1.46
N GLY A 243 4.74 -8.11 2.59
CA GLY A 243 5.76 -7.52 3.45
C GLY A 243 6.13 -6.07 3.16
N GLY A 244 5.15 -5.25 2.76
CA GLY A 244 5.45 -3.86 2.45
C GLY A 244 6.09 -3.11 3.61
N GLY A 245 5.54 -3.27 4.81
CA GLY A 245 6.13 -2.60 5.96
C GLY A 245 7.54 -3.06 6.23
N GLU A 246 7.80 -4.35 6.01
CA GLU A 246 9.14 -4.92 6.21
C GLU A 246 10.13 -4.42 5.18
N VAL A 247 9.70 -4.33 3.91
CA VAL A 247 10.57 -3.78 2.88
C VAL A 247 10.86 -2.31 3.15
N ALA A 248 9.89 -1.57 3.68
CA ALA A 248 10.12 -0.17 4.01
C ALA A 248 11.19 -0.02 5.08
N LEU A 249 11.09 -0.78 6.17
CA LEU A 249 12.09 -0.72 7.24
C LEU A 249 13.46 -1.17 6.72
N HIS A 250 13.47 -2.20 5.87
CA HIS A 250 14.71 -2.63 5.23
C HIS A 250 15.33 -1.49 4.44
N ARG A 251 14.52 -0.82 3.61
CA ARG A 251 15.05 0.28 2.80
C ARG A 251 15.50 1.45 3.67
N LEU A 252 14.90 1.60 4.87
CA LEU A 252 15.31 2.62 5.81
C LEU A 252 16.54 2.23 6.64
N GLN A 253 17.07 1.03 6.45
CA GLN A 253 18.19 0.52 7.25
C GLN A 253 17.86 0.56 8.74
N ILE A 254 16.61 0.28 9.07
CA ILE A 254 16.18 0.16 10.46
C ILE A 254 16.15 -1.33 10.80
N LYS A 255 17.04 -1.76 11.68
CA LYS A 255 17.18 -3.20 11.93
C LYS A 255 15.89 -3.75 12.52
N MET A 256 15.46 -4.90 12.01
CA MET A 256 14.33 -5.59 12.58
C MET A 256 14.87 -6.74 13.41
N LYS A 257 14.94 -6.52 14.73
CA LYS A 257 15.38 -7.57 15.63
C LYS A 257 14.43 -8.75 15.58
N LEU A 258 13.13 -8.47 15.47
CA LEU A 258 12.09 -9.48 15.47
C LEU A 258 10.91 -8.98 14.64
N VAL A 259 10.31 -9.88 13.88
CA VAL A 259 9.03 -9.61 13.21
C VAL A 259 8.11 -10.78 13.50
N VAL A 260 7.03 -10.52 14.23
CA VAL A 260 5.93 -11.46 14.34
C VAL A 260 4.92 -11.06 13.26
N SER A 261 4.73 -11.94 12.30
CA SER A 261 3.91 -11.66 11.13
C SER A 261 2.63 -12.49 11.19
N VAL A 262 1.52 -11.87 10.82
CA VAL A 262 0.22 -12.53 10.79
C VAL A 262 -0.33 -12.32 9.39
N GLU A 263 -0.41 -13.41 8.63
CA GLU A 263 -0.85 -13.34 7.23
C GLU A 263 -1.45 -14.68 6.86
N ILE A 264 -2.71 -14.69 6.44
CA ILE A 264 -3.41 -15.96 6.24
C ILE A 264 -3.05 -16.64 4.92
N SER A 265 -2.53 -15.90 3.94
CA SER A 265 -2.15 -16.49 2.65
C SER A 265 -0.83 -17.24 2.76
N LYS A 266 -0.82 -18.51 2.36
CA LYS A 266 0.41 -19.29 2.40
C LYS A 266 1.47 -18.70 1.46
N VAL A 267 1.08 -18.37 0.24
CA VAL A 267 2.07 -17.87 -0.73
C VAL A 267 2.63 -16.53 -0.27
N ASN A 268 1.80 -15.70 0.36
CA ASN A 268 2.30 -14.45 0.94
C ASN A 268 3.36 -14.72 2.00
N ARG A 269 3.09 -15.68 2.90
CA ARG A 269 4.06 -16.03 3.93
C ARG A 269 5.34 -16.57 3.32
N ASN A 270 5.25 -17.31 2.22
CA ASN A 270 6.43 -17.79 1.51
C ASN A 270 7.21 -16.64 0.90
N ILE A 271 6.52 -15.62 0.38
CA ILE A 271 7.20 -14.46 -0.18
C ILE A 271 7.95 -13.71 0.90
N LEU A 272 7.36 -13.62 2.09
CA LEU A 272 7.99 -12.91 3.20
C LEU A 272 9.20 -13.68 3.72
N LYS A 273 9.08 -15.01 3.86
CA LYS A 273 10.23 -15.81 4.29
C LYS A 273 11.35 -15.76 3.26
N ASP A 274 11.01 -15.81 1.96
CA ASP A 274 12.01 -15.68 0.91
C ASP A 274 12.73 -14.34 1.02
N PHE A 275 11.97 -13.26 1.23
CA PHE A 275 12.59 -11.96 1.44
C PHE A 275 13.50 -11.96 2.66
N TRP A 276 13.04 -12.58 3.75
CA TRP A 276 13.85 -12.65 4.97
C TRP A 276 15.18 -13.31 4.70
N GLU A 277 15.18 -14.41 3.95
CA GLU A 277 16.41 -15.14 3.67
C GLU A 277 17.26 -14.39 2.65
N GLN A 278 16.64 -13.86 1.60
CA GLN A 278 17.40 -13.29 0.50
C GLN A 278 18.08 -11.98 0.89
N THR A 279 17.49 -11.22 1.81
CA THR A 279 18.14 -10.01 2.31
C THR A 279 19.01 -10.26 3.53
N ASN A 280 19.19 -11.52 3.92
CA ASN A 280 20.11 -11.90 4.99
C ASN A 280 19.77 -11.25 6.33
N GLN A 281 18.48 -11.21 6.67
CA GLN A 281 18.04 -10.68 7.96
C GLN A 281 18.61 -11.50 9.11
N THR A 282 19.29 -10.83 10.04
CA THR A 282 19.84 -11.49 11.21
C THR A 282 18.82 -11.69 12.31
N GLY A 283 17.72 -10.94 12.29
CA GLY A 283 16.67 -11.10 13.27
C GLY A 283 15.86 -12.35 13.01
N GLU A 284 14.78 -12.48 13.79
CA GLU A 284 13.93 -13.67 13.73
C GLU A 284 12.57 -13.32 13.14
N LEU A 285 12.12 -14.14 12.20
CA LEU A 285 10.78 -14.01 11.63
C LEU A 285 9.91 -15.12 12.22
N ILE A 286 8.77 -14.73 12.78
CA ILE A 286 7.78 -15.66 13.29
C ILE A 286 6.49 -15.43 12.50
N GLU A 287 5.98 -16.49 11.88
CA GLU A 287 4.85 -16.39 10.97
C GLU A 287 3.62 -17.06 11.58
N PHE A 288 2.56 -16.27 11.79
CA PHE A 288 1.24 -16.76 12.12
C PHE A 288 0.34 -16.63 10.90
N SER A 289 -0.78 -17.36 10.90
CA SER A 289 -1.63 -17.40 9.72
C SER A 289 -2.90 -16.58 9.95
N ASP A 290 -3.85 -17.10 10.73
CA ASP A 290 -5.15 -16.46 10.92
C ASP A 290 -5.12 -15.58 12.16
N ILE A 291 -5.39 -14.29 11.99
CA ILE A 291 -5.40 -13.36 13.11
C ILE A 291 -6.51 -13.69 14.10
N GLN A 292 -7.61 -14.30 13.62
CA GLN A 292 -8.72 -14.61 14.51
C GLN A 292 -8.37 -15.71 15.51
N HIS A 293 -7.30 -16.47 15.27
CA HIS A 293 -6.87 -17.54 16.16
C HIS A 293 -5.63 -17.15 16.96
N LEU A 294 -5.17 -15.91 16.86
CA LEU A 294 -4.05 -15.42 17.66
C LEU A 294 -4.61 -14.86 18.97
N THR A 295 -4.40 -15.59 20.06
CA THR A 295 -5.01 -15.21 21.33
C THR A 295 -4.25 -14.06 21.98
N ASN A 296 -4.97 -13.31 22.84
CA ASN A 296 -4.36 -12.23 23.58
C ASN A 296 -3.13 -12.69 24.35
N ASP A 297 -3.22 -13.87 24.96
CA ASP A 297 -2.12 -14.37 25.80
C ASP A 297 -0.94 -14.88 24.97
N THR A 298 -1.18 -15.33 23.74
CA THR A 298 -0.06 -15.57 22.83
C THR A 298 0.71 -14.29 22.59
N ILE A 299 0.00 -13.18 22.35
CA ILE A 299 0.66 -11.88 22.22
C ILE A 299 1.45 -11.57 23.48
N GLU A 300 0.82 -11.72 24.65
CA GLU A 300 1.48 -11.38 25.90
C GLU A 300 2.69 -12.26 26.15
N GLY A 301 2.60 -13.55 25.80
CA GLY A 301 3.74 -14.43 25.93
C GLY A 301 4.88 -14.05 25.01
N LEU A 302 4.55 -13.66 23.77
CA LEU A 302 5.58 -13.22 22.84
C LEU A 302 6.30 -11.97 23.35
N MET A 303 5.54 -11.02 23.89
CA MET A 303 6.14 -9.81 24.45
C MET A 303 7.00 -10.12 25.67
N GLU A 304 6.60 -11.11 26.47
CA GLU A 304 7.42 -11.48 27.61
C GLU A 304 8.73 -12.11 27.16
N LYS A 305 8.69 -12.89 26.06
CA LYS A 305 9.91 -13.54 25.59
C LYS A 305 10.86 -12.55 24.93
N TYR A 306 10.33 -11.63 24.13
CA TYR A 306 11.17 -10.76 23.30
C TYR A 306 11.22 -9.32 23.77
N GLY A 307 10.46 -8.95 24.79
CA GLY A 307 10.57 -7.63 25.37
C GLY A 307 9.64 -6.58 24.83
N GLY A 308 8.45 -6.97 24.36
CA GLY A 308 7.49 -6.02 23.85
C GLY A 308 7.73 -5.66 22.40
N PHE A 309 6.79 -4.90 21.84
CA PHE A 309 6.84 -4.48 20.43
C PHE A 309 7.00 -2.97 20.36
N ASP A 310 7.94 -2.53 19.52
CA ASP A 310 8.14 -1.10 19.33
C ASP A 310 7.22 -0.54 18.26
N LEU A 311 6.75 -1.40 17.35
CA LEU A 311 5.92 -0.97 16.24
C LEU A 311 4.88 -2.05 15.96
N VAL A 312 3.63 -1.62 15.81
CA VAL A 312 2.54 -2.45 15.31
C VAL A 312 2.07 -1.84 14.01
N ILE A 313 2.27 -2.55 12.90
CA ILE A 313 1.96 -2.02 11.59
C ILE A 313 1.08 -3.02 10.86
N GLY A 314 0.05 -2.52 10.17
CA GLY A 314 -0.76 -3.38 9.35
C GLY A 314 -1.82 -2.60 8.60
N GLY A 315 -2.36 -3.27 7.58
CA GLY A 315 -3.51 -2.76 6.85
C GLY A 315 -4.55 -3.85 6.69
N SER A 316 -5.66 -3.72 7.42
CA SER A 316 -6.72 -4.71 7.43
C SER A 316 -7.41 -4.74 6.06
N PRO A 317 -8.15 -5.81 5.76
CA PRO A 317 -8.71 -5.96 4.40
C PRO A 317 -9.59 -4.79 3.98
N CYS A 318 -9.57 -4.49 2.68
CA CYS A 318 -10.42 -3.45 2.13
C CYS A 318 -11.48 -3.99 1.18
N ASN A 319 -11.65 -5.31 1.10
CA ASN A 319 -12.64 -5.91 0.21
C ASN A 319 -13.97 -5.19 0.30
N ASN A 320 -14.49 -5.03 1.51
CA ASN A 320 -15.84 -4.52 1.70
C ASN A 320 -15.91 -2.99 1.71
N LEU A 321 -14.79 -2.31 1.48
CA LEU A 321 -14.76 -0.85 1.41
C LEU A 321 -14.49 -0.33 0.00
N ALA A 322 -13.82 -1.11 -0.84
CA ALA A 322 -13.33 -0.63 -2.12
C ALA A 322 -14.45 -0.44 -3.13
N GLY A 323 -14.33 0.63 -3.92
CA GLY A 323 -15.33 0.93 -4.93
C GLY A 323 -15.42 -0.09 -6.05
N GLY A 324 -14.37 -0.89 -6.25
CA GLY A 324 -14.40 -1.90 -7.29
C GLY A 324 -15.26 -3.10 -6.95
N ASN A 325 -15.64 -3.27 -5.69
CA ASN A 325 -16.43 -4.41 -5.26
C ASN A 325 -17.89 -4.18 -5.64
N ARG A 326 -18.40 -4.99 -6.57
CA ARG A 326 -19.81 -4.91 -6.97
C ARG A 326 -20.72 -5.59 -5.96
N VAL A 327 -20.26 -6.70 -5.38
CA VAL A 327 -21.13 -7.64 -4.68
C VAL A 327 -21.28 -7.29 -3.21
N SER A 328 -20.19 -7.01 -2.51
CA SER A 328 -20.20 -6.98 -1.05
C SER A 328 -19.44 -5.77 -0.52
N ARG A 329 -19.75 -4.58 -1.04
CA ARG A 329 -19.18 -3.35 -0.51
C ARG A 329 -20.06 -2.83 0.63
N VAL A 330 -20.14 -3.63 1.69
CA VAL A 330 -21.11 -3.40 2.75
C VAL A 330 -20.49 -2.58 3.88
N GLY A 331 -19.24 -2.18 3.72
CA GLY A 331 -18.60 -1.33 4.69
C GLY A 331 -17.80 -2.10 5.73
N LEU A 332 -17.50 -1.40 6.83
CA LEU A 332 -16.52 -1.87 7.79
C LEU A 332 -16.93 -3.17 8.48
N GLU A 333 -18.22 -3.50 8.54
CA GLU A 333 -18.64 -4.74 9.17
C GLU A 333 -18.73 -5.90 8.20
N GLY A 334 -18.20 -5.74 6.98
CA GLY A 334 -18.14 -6.86 6.06
C GLY A 334 -17.25 -7.98 6.57
N ASP A 335 -17.45 -9.16 6.00
CA ASP A 335 -16.81 -10.36 6.52
C ASP A 335 -15.29 -10.22 6.57
N GLN A 336 -14.69 -9.56 5.58
CA GLN A 336 -13.25 -9.38 5.58
C GLN A 336 -12.80 -8.10 6.28
N SER A 337 -13.46 -6.97 5.98
CA SER A 337 -13.01 -5.71 6.54
C SER A 337 -13.26 -5.60 8.03
N SER A 338 -14.21 -6.36 8.58
CA SER A 338 -14.43 -6.34 10.02
C SER A 338 -13.21 -6.85 10.79
N LEU A 339 -12.25 -7.47 10.10
CA LEU A 339 -10.99 -7.84 10.73
C LEU A 339 -10.21 -6.63 11.23
N PHE A 340 -10.60 -5.42 10.84
CA PHE A 340 -10.04 -4.22 11.45
C PHE A 340 -10.13 -4.28 12.97
N PHE A 341 -11.25 -4.78 13.51
CA PHE A 341 -11.39 -4.83 14.97
C PHE A 341 -10.48 -5.86 15.60
N GLU A 342 -9.96 -6.81 14.82
CA GLU A 342 -8.92 -7.69 15.32
C GLU A 342 -7.58 -6.96 15.42
N TYR A 343 -7.29 -6.09 14.44
CA TYR A 343 -6.15 -5.20 14.59
C TYR A 343 -6.24 -4.43 15.89
N CYS A 344 -7.44 -3.92 16.20
CA CYS A 344 -7.64 -3.11 17.40
C CYS A 344 -7.46 -3.94 18.66
N ARG A 345 -8.01 -5.16 18.66
CA ARG A 345 -7.86 -6.06 19.81
C ARG A 345 -6.40 -6.37 20.09
N ILE A 346 -5.65 -6.74 19.06
CA ILE A 346 -4.24 -7.07 19.24
C ILE A 346 -3.46 -5.84 19.67
N LEU A 347 -3.80 -4.68 19.09
CA LEU A 347 -3.11 -3.46 19.46
C LEU A 347 -3.34 -3.13 20.93
N GLU A 348 -4.55 -3.36 21.42
CA GLU A 348 -4.85 -3.05 22.82
C GLU A 348 -4.07 -3.97 23.76
N VAL A 349 -3.85 -5.22 23.36
CA VAL A 349 -3.03 -6.11 24.19
C VAL A 349 -1.63 -5.55 24.31
N VAL A 350 -1.05 -5.12 23.19
CA VAL A 350 0.30 -4.53 23.22
C VAL A 350 0.33 -3.29 24.10
N ARG A 351 -0.65 -2.41 23.93
CA ARG A 351 -0.70 -1.19 24.75
C ARG A 351 -0.81 -1.51 26.23
N ALA A 352 -1.54 -2.56 26.58
CA ALA A 352 -1.74 -2.89 27.99
C ALA A 352 -0.42 -3.17 28.69
N ARG A 353 0.50 -3.85 28.01
CA ARG A 353 1.82 -4.10 28.60
C ARG A 353 2.71 -2.86 28.53
N MET A 354 2.74 -2.18 27.38
CA MET A 354 3.74 -1.13 27.18
C MET A 354 3.43 0.15 27.95
N ARG A 355 2.15 0.54 28.01
CA ARG A 355 1.78 1.83 28.61
C ARG A 355 0.86 1.72 29.82
N GLY A 356 0.20 0.58 30.05
CA GLY A 356 -0.47 0.31 31.30
C GLY A 356 -1.98 0.39 31.24
N SER A 357 -2.58 0.54 32.42
CA SER A 357 -4.03 0.49 32.65
C SER A 357 -4.64 -0.85 32.26
#